data_5DNX
#
_entry.id   5DNX
#
_cell.length_a   140.430
_cell.length_b   140.430
_cell.length_c   136.720
_cell.angle_alpha   90.00
_cell.angle_beta   90.00
_cell.angle_gamma   90.00
#
_symmetry.space_group_name_H-M   'I 4 2 2'
#
loop_
_entity.id
_entity.type
_entity.pdbx_description
1 polymer 'Imidazoleglycerol-phosphate dehydratase'
2 non-polymer 'MANGANESE (II) ION'
3 non-polymer '[(2R)-2-hydroxy-3-(1H-1,2,4-triazol-1-yl)propyl]phosphonic acid'
4 water water
#
_entity_poly.entity_id   1
_entity_poly.type   'polypeptide(L)'
_entity_poly.pdbx_seq_one_letter_code
;MRRTTKETDIIVEIGKKGEIKTNDLILDHMLTAFAFYLGKDMRITATYDLRHHLWEDIGITLGEALRENLPEKFTRFGNA
IMPMDDALVLVSVDISNRPYANVDVNIKDAEEGFAVSLLKEFVWGLARGLRATIHIKQLSGENAHHIVEAAFKGLGMALR
VATKESERVESTKGVL
;
_entity_poly.pdbx_strand_id   A,C,B
#
# COMPACT_ATOMS: atom_id res chain seq x y z
N MET A 1 11.84 8.22 -23.38
CA MET A 1 11.95 6.77 -23.08
C MET A 1 11.18 5.94 -24.08
N ARG A 2 11.80 4.87 -24.55
CA ARG A 2 11.19 4.00 -25.54
C ARG A 2 11.08 2.60 -24.98
N ARG A 3 9.92 1.97 -25.18
CA ARG A 3 9.72 0.58 -24.78
C ARG A 3 9.16 -0.16 -25.98
N THR A 4 9.82 -1.26 -26.34
CA THR A 4 9.50 -1.96 -27.56
C THR A 4 9.38 -3.46 -27.31
N THR A 5 8.25 -4.03 -27.74
CA THR A 5 8.04 -5.47 -27.71
C THR A 5 7.57 -5.87 -29.10
N LYS A 6 7.27 -7.16 -29.29
CA LYS A 6 6.67 -7.57 -30.55
C LYS A 6 5.22 -7.09 -30.69
N GLU A 7 4.60 -6.61 -29.61
CA GLU A 7 3.21 -6.13 -29.63
C GLU A 7 3.10 -4.62 -29.82
N THR A 8 3.97 -3.88 -29.15
CA THR A 8 3.89 -2.43 -29.14
C THR A 8 5.26 -1.75 -29.21
N ASP A 9 5.22 -0.51 -29.69
CA ASP A 9 6.42 0.34 -29.72
C ASP A 9 5.97 1.72 -29.23
N ILE A 10 6.50 2.14 -28.09
CA ILE A 10 6.00 3.32 -27.39
C ILE A 10 7.15 4.23 -27.02
N ILE A 11 6.98 5.53 -27.31
CA ILE A 11 7.86 6.56 -26.77
C ILE A 11 7.07 7.52 -25.89
N VAL A 12 7.57 7.75 -24.67
CA VAL A 12 7.00 8.75 -23.76
C VAL A 12 8.14 9.67 -23.35
N GLU A 13 7.99 10.94 -23.63
CA GLU A 13 9.01 11.98 -23.30
C GLU A 13 8.37 13.08 -22.49
N ILE A 14 8.58 13.04 -21.18
CA ILE A 14 8.00 14.01 -20.29
C ILE A 14 8.81 15.31 -20.35
N GLY A 15 8.10 16.42 -20.39
CA GLY A 15 8.70 17.73 -20.48
C GLY A 15 8.96 18.23 -21.90
N LYS A 16 8.77 17.40 -22.92
CA LYS A 16 8.88 17.85 -24.31
C LYS A 16 7.50 18.20 -24.85
N LYS A 17 7.41 19.38 -25.46
CA LYS A 17 6.19 19.78 -26.12
C LYS A 17 6.13 18.87 -27.31
N GLY A 18 4.97 18.31 -27.54
CA GLY A 18 4.84 17.34 -28.59
C GLY A 18 3.43 16.86 -28.64
N GLU A 19 3.21 15.97 -29.60
CA GLU A 19 1.91 15.40 -29.86
C GLU A 19 1.69 14.20 -28.91
N ILE A 20 0.41 13.90 -28.68
CA ILE A 20 -0.01 12.62 -28.13
C ILE A 20 -0.75 11.90 -29.22
N LYS A 21 -0.09 10.92 -29.82
CA LYS A 21 -0.63 10.20 -30.94
C LYS A 21 -0.36 8.71 -30.82
N THR A 22 -1.34 7.99 -30.29
CA THR A 22 -1.24 6.55 -30.06
C THR A 22 -1.91 5.69 -31.11
N ASN A 23 -2.57 6.30 -32.08
CA ASN A 23 -3.45 5.62 -33.03
C ASN A 23 -4.68 4.99 -32.35
N ASP A 24 -5.06 5.52 -31.18
CA ASP A 24 -6.32 5.16 -30.54
C ASP A 24 -6.85 6.51 -30.06
N LEU A 25 -7.95 6.97 -30.67
CA LEU A 25 -8.46 8.32 -30.40
C LEU A 25 -8.98 8.52 -28.98
N ILE A 26 -9.53 7.45 -28.40
CA ILE A 26 -9.96 7.48 -26.99
C ILE A 26 -8.77 7.64 -26.06
N LEU A 27 -7.75 6.81 -26.24
CA LEU A 27 -6.56 6.90 -25.40
C LEU A 27 -5.84 8.23 -25.59
N ASP A 28 -5.79 8.72 -26.83
CA ASP A 28 -5.21 10.06 -27.06
C ASP A 28 -5.91 11.14 -26.20
N HIS A 29 -7.23 11.10 -26.17
CA HIS A 29 -8.03 12.01 -25.37
C HIS A 29 -7.76 11.82 -23.86
N MET A 30 -7.77 10.58 -23.40
CA MET A 30 -7.53 10.31 -21.98
C MET A 30 -6.13 10.75 -21.54
N LEU A 31 -5.12 10.49 -22.38
CA LEU A 31 -3.76 10.90 -22.06
C LEU A 31 -3.59 12.41 -22.11
N THR A 32 -4.34 13.06 -23.00
CA THR A 32 -4.32 14.52 -23.07
C THR A 32 -4.85 15.08 -21.76
N ALA A 33 -5.93 14.52 -21.23
CA ALA A 33 -6.48 14.91 -19.93
C ALA A 33 -5.47 14.66 -18.82
N PHE A 34 -4.85 13.49 -18.84
CA PHE A 34 -3.87 13.13 -17.82
C PHE A 34 -2.73 14.16 -17.79
N ALA A 35 -2.12 14.39 -18.95
CA ALA A 35 -0.97 15.32 -19.06
C ALA A 35 -1.36 16.74 -18.67
N PHE A 36 -2.56 17.15 -19.09
CA PHE A 36 -3.05 18.48 -18.77
C PHE A 36 -3.15 18.72 -17.27
N TYR A 37 -3.77 17.78 -16.55
CA TYR A 37 -3.95 17.91 -15.11
C TYR A 37 -2.72 17.58 -14.30
N LEU A 38 -1.80 16.79 -14.86
CA LEU A 38 -0.48 16.61 -14.26
C LEU A 38 0.31 17.93 -14.31
N GLY A 39 0.07 18.72 -15.36
CA GLY A 39 0.69 20.03 -15.53
C GLY A 39 2.02 19.95 -16.24
N LYS A 40 2.20 18.93 -17.08
CA LYS A 40 3.47 18.71 -17.76
C LYS A 40 3.22 18.47 -19.22
N ASP A 41 4.05 19.08 -20.04
CA ASP A 41 4.10 18.78 -21.46
C ASP A 41 4.67 17.39 -21.60
N MET A 42 4.21 16.67 -22.62
CA MET A 42 4.83 15.40 -22.96
C MET A 42 4.52 15.00 -24.40
N ARG A 43 5.44 14.22 -24.94
CA ARG A 43 5.29 13.69 -26.26
C ARG A 43 5.09 12.18 -26.09
N ILE A 44 4.03 11.68 -26.71
CA ILE A 44 3.71 10.25 -26.66
C ILE A 44 3.36 9.79 -28.06
N THR A 45 4.09 8.79 -28.54
CA THR A 45 3.76 8.17 -29.79
CA THR A 45 3.83 8.18 -29.82
C THR A 45 3.80 6.66 -29.63
N ALA A 46 2.96 5.97 -30.41
CA ALA A 46 2.86 4.50 -30.27
C ALA A 46 2.38 3.85 -31.53
N THR A 47 2.83 2.62 -31.73
CA THR A 47 2.18 1.68 -32.62
C THR A 47 1.87 0.42 -31.81
N TYR A 48 0.85 -0.30 -32.26
CA TYR A 48 0.35 -1.46 -31.53
C TYR A 48 -0.39 -2.43 -32.41
N ASP A 49 -0.58 -3.64 -31.88
CA ASP A 49 -1.40 -4.66 -32.55
C ASP A 49 -2.84 -4.64 -32.03
N LEU A 50 -3.02 -4.78 -30.72
CA LEU A 50 -4.35 -4.81 -30.11
C LEU A 50 -4.46 -3.74 -29.04
N ARG A 51 -5.64 -3.16 -28.89
CA ARG A 51 -5.83 -2.04 -27.97
C ARG A 51 -5.45 -2.37 -26.53
N HIS A 52 -5.73 -3.58 -26.06
CA HIS A 52 -5.33 -3.93 -24.69
C HIS A 52 -3.83 -3.79 -24.51
N HIS A 53 -3.06 -4.28 -25.47
CA HIS A 53 -1.61 -4.21 -25.37
C HIS A 53 -1.15 -2.75 -25.35
N LEU A 54 -1.80 -1.92 -26.14
CA LEU A 54 -1.52 -0.47 -26.14
C LEU A 54 -1.78 0.18 -24.78
N TRP A 55 -2.98 0.02 -24.25
CA TRP A 55 -3.36 0.64 -22.97
C TRP A 55 -2.44 0.21 -21.83
N GLU A 56 -2.21 -1.09 -21.73
CA GLU A 56 -1.30 -1.63 -20.76
C GLU A 56 0.13 -1.09 -20.92
N ASP A 57 0.66 -1.17 -22.14
CA ASP A 57 2.05 -0.82 -22.37
C ASP A 57 2.31 0.69 -22.27
N ILE A 58 1.30 1.50 -22.63
CA ILE A 58 1.30 2.92 -22.36
C ILE A 58 1.36 3.19 -20.85
N GLY A 59 0.54 2.49 -20.07
CA GLY A 59 0.64 2.59 -18.61
C GLY A 59 2.02 2.28 -18.08
N ILE A 60 2.59 1.18 -18.57
CA ILE A 60 3.90 0.72 -18.10
C ILE A 60 4.96 1.78 -18.45
N THR A 61 4.97 2.20 -19.70
CA THR A 61 5.99 3.14 -20.21
C THR A 61 5.85 4.51 -19.56
N LEU A 62 4.62 4.99 -19.47
CA LEU A 62 4.35 6.25 -18.73
C LEU A 62 4.79 6.17 -17.28
N GLY A 63 4.48 5.06 -16.62
CA GLY A 63 4.88 4.86 -15.24
C GLY A 63 6.40 4.88 -15.10
N GLU A 64 7.07 4.16 -15.98
CA GLU A 64 8.54 4.16 -15.95
C GLU A 64 9.10 5.56 -16.21
N ALA A 65 8.49 6.28 -17.16
CA ALA A 65 8.91 7.67 -17.47
C ALA A 65 8.71 8.59 -16.28
N LEU A 66 7.56 8.49 -15.61
CA LEU A 66 7.32 9.27 -14.39
C LEU A 66 8.31 8.90 -13.29
N ARG A 67 8.62 7.62 -13.15
CA ARG A 67 9.54 7.17 -12.12
C ARG A 67 10.94 7.77 -12.41
N GLU A 68 11.37 7.74 -13.67
CA GLU A 68 12.67 8.29 -14.06
C GLU A 68 12.76 9.79 -13.79
N ASN A 69 11.65 10.47 -13.98
CA ASN A 69 11.52 11.91 -13.82
C ASN A 69 11.39 12.36 -12.35
N LEU A 70 11.17 11.44 -11.40
CA LEU A 70 10.92 11.85 -10.02
C LEU A 70 12.16 12.48 -9.41
N PRO A 71 11.99 13.53 -8.59
CA PRO A 71 13.10 13.98 -7.75
C PRO A 71 13.48 12.88 -6.79
N GLU A 72 14.71 12.88 -6.32
CA GLU A 72 15.18 11.87 -5.39
C GLU A 72 14.24 11.78 -4.18
N LYS A 73 13.87 12.93 -3.64
CA LYS A 73 12.95 13.01 -2.50
C LYS A 73 11.65 13.59 -3.04
N PHE A 74 10.57 12.83 -2.93
CA PHE A 74 9.30 13.24 -3.53
C PHE A 74 8.20 13.08 -2.51
N THR A 75 7.12 13.76 -2.80
CA THR A 75 6.00 13.98 -1.87
C THR A 75 5.26 12.67 -1.57
N ARG A 76 5.29 11.76 -2.53
CA ARG A 76 4.80 10.35 -2.44
C ARG A 76 3.28 10.19 -2.54
N PHE A 77 2.55 10.95 -1.74
CA PHE A 77 1.09 10.85 -1.67
C PHE A 77 0.44 11.95 -2.49
N GLY A 78 -0.61 11.59 -3.24
CA GLY A 78 -1.44 12.59 -3.87
C GLY A 78 -2.84 12.04 -4.12
N ASN A 79 -3.84 12.89 -3.94
CA ASN A 79 -5.25 12.54 -4.15
C ASN A 79 -5.92 13.53 -5.05
N ALA A 80 -7.01 13.10 -5.68
CA ALA A 80 -7.91 14.02 -6.39
C ALA A 80 -9.32 13.48 -6.27
N ILE A 81 -10.29 14.37 -6.10
CA ILE A 81 -11.70 13.99 -6.27
C ILE A 81 -12.17 14.80 -7.47
N MET A 82 -12.54 14.09 -8.53
CA MET A 82 -12.81 14.70 -9.79
C MET A 82 -14.28 14.50 -10.16
N PRO A 83 -15.04 15.59 -10.23
CA PRO A 83 -16.40 15.55 -10.74
C PRO A 83 -16.36 15.71 -12.25
N MET A 84 -17.22 15.01 -12.96
CA MET A 84 -17.43 15.29 -14.35
C MET A 84 -18.89 15.01 -14.67
N ASP A 85 -19.70 16.07 -14.74
CA ASP A 85 -21.13 15.96 -14.81
C ASP A 85 -21.62 14.94 -13.73
N ASP A 86 -22.31 13.87 -14.14
CA ASP A 86 -22.78 12.85 -13.20
C ASP A 86 -21.70 12.10 -12.45
N ALA A 87 -20.51 11.96 -13.06
CA ALA A 87 -19.41 11.23 -12.43
C ALA A 87 -18.75 11.98 -11.29
N LEU A 88 -18.34 11.22 -10.28
CA LEU A 88 -17.56 11.71 -9.17
C LEU A 88 -16.61 10.59 -8.81
N VAL A 89 -15.33 10.80 -9.03
CA VAL A 89 -14.34 9.72 -8.93
C VAL A 89 -13.20 10.16 -8.02
N LEU A 90 -12.88 9.33 -7.05
CA LEU A 90 -11.76 9.55 -6.15
C LEU A 90 -10.57 8.79 -6.70
N VAL A 91 -9.44 9.50 -6.77
CA VAL A 91 -8.17 8.89 -7.22
C VAL A 91 -7.18 9.13 -6.09
N SER A 92 -6.57 8.04 -5.61
CA SER A 92 -5.64 8.14 -4.49
C SER A 92 -4.38 7.37 -4.83
N VAL A 93 -3.24 8.06 -4.75
CA VAL A 93 -1.97 7.51 -5.18
C VAL A 93 -0.97 7.56 -4.03
N ASP A 94 -0.19 6.48 -3.91
CA ASP A 94 0.96 6.43 -3.02
C ASP A 94 2.09 5.86 -3.84
N ILE A 95 3.10 6.68 -4.13
CA ILE A 95 4.28 6.19 -4.83
C ILE A 95 5.15 5.40 -3.83
N SER A 96 4.71 4.18 -3.59
CA SER A 96 5.09 3.34 -2.45
C SER A 96 6.20 2.36 -2.73
N ASN A 97 6.53 2.15 -4.02
CA ASN A 97 7.30 1.01 -4.44
C ASN A 97 6.62 -0.35 -4.17
N ARG A 98 5.29 -0.36 -4.02
CA ARG A 98 4.52 -1.58 -3.85
C ARG A 98 3.42 -1.61 -4.89
N PRO A 99 3.68 -2.13 -6.10
CA PRO A 99 2.65 -2.08 -7.17
C PRO A 99 1.32 -2.66 -6.71
N TYR A 100 0.27 -1.90 -6.93
CA TYR A 100 -1.08 -2.31 -6.60
C TYR A 100 -2.06 -1.37 -7.31
N ALA A 101 -3.13 -1.93 -7.85
CA ALA A 101 -4.22 -1.13 -8.37
C ALA A 101 -5.53 -1.68 -7.91
N ASN A 102 -6.45 -0.82 -7.50
CA ASN A 102 -7.85 -1.22 -7.27
C ASN A 102 -8.70 -0.21 -7.98
N VAL A 103 -9.30 -0.64 -9.09
CA VAL A 103 -10.18 0.21 -9.88
C VAL A 103 -11.59 -0.28 -9.65
N ASP A 104 -12.37 0.52 -8.94
CA ASP A 104 -13.73 0.17 -8.52
C ASP A 104 -14.68 1.19 -9.17
N VAL A 105 -15.18 0.82 -10.34
CA VAL A 105 -16.09 1.66 -11.10
C VAL A 105 -17.36 0.87 -11.41
N ASN A 106 -18.37 1.60 -11.82
CA ASN A 106 -19.68 1.01 -12.12
C ASN A 106 -20.29 1.80 -13.26
N ILE A 107 -20.07 1.32 -14.47
CA ILE A 107 -20.54 2.02 -15.66
C ILE A 107 -21.94 1.53 -16.00
N LYS A 108 -22.90 2.44 -15.99
CA LYS A 108 -24.29 2.09 -16.31
C LYS A 108 -24.58 2.33 -17.80
N ASP A 109 -24.15 3.47 -18.33
CA ASP A 109 -24.33 3.83 -19.74
C ASP A 109 -23.00 3.68 -20.48
N ALA A 110 -22.86 2.55 -21.16
CA ALA A 110 -21.64 2.23 -21.90
C ALA A 110 -21.46 3.15 -23.08
N GLU A 111 -20.22 3.28 -23.53
CA GLU A 111 -19.89 4.07 -24.70
C GLU A 111 -18.80 3.36 -25.51
N GLU A 112 -18.99 3.27 -26.83
CA GLU A 112 -18.03 2.59 -27.72
C GLU A 112 -16.65 3.19 -27.50
N GLY A 113 -15.65 2.34 -27.34
CA GLY A 113 -14.26 2.76 -27.17
C GLY A 113 -13.79 2.83 -25.73
N PHE A 114 -14.76 2.94 -24.79
CA PHE A 114 -14.49 3.03 -23.38
C PHE A 114 -14.80 1.63 -22.83
N ALA A 115 -13.83 1.04 -22.15
CA ALA A 115 -14.02 -0.27 -21.55
C ALA A 115 -13.31 -0.30 -20.22
N VAL A 116 -13.98 -0.86 -19.22
CA VAL A 116 -13.35 -1.11 -17.94
C VAL A 116 -12.08 -1.93 -18.07
N SER A 117 -12.07 -2.93 -18.96
CA SER A 117 -10.84 -3.73 -19.23
C SER A 117 -9.65 -2.85 -19.54
N LEU A 118 -9.86 -1.91 -20.44
CA LEU A 118 -8.77 -1.04 -20.89
C LEU A 118 -8.34 -0.06 -19.79
N LEU A 119 -9.30 0.52 -19.07
CA LEU A 119 -8.95 1.38 -17.94
C LEU A 119 -8.15 0.63 -16.91
N LYS A 120 -8.61 -0.55 -16.54
CA LYS A 120 -7.89 -1.34 -15.53
C LYS A 120 -6.48 -1.69 -15.97
N GLU A 121 -6.35 -2.06 -17.24
CA GLU A 121 -5.04 -2.44 -17.72
C GLU A 121 -4.05 -1.27 -17.83
N PHE A 122 -4.55 -0.09 -18.16
CA PHE A 122 -3.73 1.10 -18.10
C PHE A 122 -3.29 1.37 -16.68
N VAL A 123 -4.21 1.30 -15.75
CA VAL A 123 -3.90 1.64 -14.36
C VAL A 123 -2.94 0.62 -13.74
N TRP A 124 -3.18 -0.66 -13.99
CA TRP A 124 -2.23 -1.66 -13.53
C TRP A 124 -0.86 -1.49 -14.17
N GLY A 125 -0.83 -1.17 -15.45
CA GLY A 125 0.45 -0.88 -16.10
C GLY A 125 1.20 0.30 -15.45
N LEU A 126 0.47 1.38 -15.18
CA LEU A 126 1.01 2.56 -14.53
C LEU A 126 1.52 2.23 -13.12
N ALA A 127 0.72 1.47 -12.36
CA ALA A 127 1.11 1.05 -11.00
C ALA A 127 2.38 0.23 -11.02
N ARG A 128 2.48 -0.65 -12.01
CA ARG A 128 3.69 -1.51 -12.15
C ARG A 128 4.92 -0.76 -12.66
N GLY A 129 4.72 0.17 -13.59
CA GLY A 129 5.87 0.94 -14.17
C GLY A 129 6.41 2.01 -13.23
N LEU A 130 5.50 2.74 -12.61
CA LEU A 130 5.85 3.76 -11.60
C LEU A 130 6.27 3.09 -10.29
N ARG A 131 5.71 1.90 -9.99
CA ARG A 131 5.85 1.18 -8.72
C ARG A 131 5.12 1.93 -7.63
N ALA A 132 3.80 1.85 -7.72
CA ALA A 132 2.93 2.67 -6.92
C ALA A 132 1.64 1.91 -6.58
N THR A 133 0.99 2.41 -5.54
CA THR A 133 -0.33 2.03 -5.10
C THR A 133 -1.33 3.03 -5.70
N ILE A 134 -2.33 2.53 -6.43
CA ILE A 134 -3.34 3.39 -7.06
C ILE A 134 -4.76 2.89 -6.80
N HIS A 135 -5.58 3.73 -6.17
CA HIS A 135 -7.00 3.50 -6.00
C HIS A 135 -7.78 4.44 -6.93
N ILE A 136 -8.72 3.89 -7.66
CA ILE A 136 -9.71 4.63 -8.43
C ILE A 136 -11.04 4.16 -7.88
N LYS A 137 -11.78 5.05 -7.22
CA LYS A 137 -13.01 4.69 -6.52
C LYS A 137 -14.13 5.59 -6.97
N GLN A 138 -15.03 5.04 -7.75
CA GLN A 138 -16.21 5.79 -8.17
C GLN A 138 -17.13 6.06 -7.01
N LEU A 139 -17.45 7.33 -6.77
CA LEU A 139 -18.41 7.72 -5.73
C LEU A 139 -19.83 7.92 -6.25
N SER A 140 -19.92 8.40 -7.49
CA SER A 140 -21.18 8.61 -8.16
CA SER A 140 -21.18 8.59 -8.14
C SER A 140 -20.97 8.49 -9.64
N GLY A 141 -22.05 8.22 -10.37
CA GLY A 141 -21.98 8.32 -11.82
C GLY A 141 -22.53 7.17 -12.60
N GLU A 142 -22.83 7.46 -13.86
CA GLU A 142 -23.41 6.47 -14.79
C GLU A 142 -22.71 6.40 -16.15
N ASN A 143 -22.25 7.55 -16.64
CA ASN A 143 -21.74 7.64 -18.00
C ASN A 143 -20.30 7.17 -18.14
N ALA A 144 -20.05 6.25 -19.07
CA ALA A 144 -18.73 5.66 -19.25
C ALA A 144 -17.63 6.71 -19.49
N HIS A 145 -17.89 7.62 -20.42
CA HIS A 145 -16.89 8.63 -20.79
C HIS A 145 -16.61 9.55 -19.60
N HIS A 146 -17.66 10.00 -18.92
CA HIS A 146 -17.46 10.87 -17.75
C HIS A 146 -16.67 10.19 -16.63
N ILE A 147 -16.98 8.91 -16.41
CA ILE A 147 -16.29 8.14 -15.37
C ILE A 147 -14.83 7.94 -15.71
N VAL A 148 -14.56 7.48 -16.92
CA VAL A 148 -13.20 7.18 -17.32
C VAL A 148 -12.37 8.45 -17.44
N GLU A 149 -12.95 9.49 -18.03
CA GLU A 149 -12.23 10.76 -18.16
C GLU A 149 -11.98 11.37 -16.77
N ALA A 150 -12.95 11.30 -15.86
CA ALA A 150 -12.71 11.75 -14.49
C ALA A 150 -11.53 10.99 -13.84
N ALA A 151 -11.44 9.68 -14.08
CA ALA A 151 -10.32 8.91 -13.58
C ALA A 151 -8.97 9.42 -14.15
N PHE A 152 -8.90 9.68 -15.45
CA PHE A 152 -7.63 10.20 -16.04
C PHE A 152 -7.31 11.63 -15.58
N LYS A 153 -8.31 12.50 -15.50
CA LYS A 153 -8.14 13.83 -14.94
C LYS A 153 -7.62 13.72 -13.50
N GLY A 154 -8.22 12.81 -12.74
CA GLY A 154 -7.87 12.65 -11.33
C GLY A 154 -6.48 12.09 -11.11
N LEU A 155 -6.09 11.16 -11.97
CA LEU A 155 -4.74 10.64 -11.98
C LEU A 155 -3.72 11.74 -12.25
N GLY A 156 -3.98 12.59 -13.23
CA GLY A 156 -3.11 13.73 -13.48
C GLY A 156 -2.95 14.62 -12.27
N MET A 157 -4.06 15.00 -11.67
CA MET A 157 -4.06 15.88 -10.50
CA MET A 157 -4.06 15.87 -10.49
C MET A 157 -3.38 15.23 -9.30
N ALA A 158 -3.68 13.95 -9.05
CA ALA A 158 -3.07 13.25 -7.91
C ALA A 158 -1.57 13.13 -8.09
N LEU A 159 -1.11 12.78 -9.30
CA LEU A 159 0.31 12.64 -9.57
C LEU A 159 1.02 13.99 -9.58
N ARG A 160 0.31 15.06 -9.93
CA ARG A 160 0.89 16.39 -9.82
C ARG A 160 1.41 16.63 -8.39
N VAL A 161 0.60 16.24 -7.41
CA VAL A 161 0.94 16.38 -6.01
C VAL A 161 1.99 15.39 -5.57
N ALA A 162 1.81 14.13 -5.95
CA ALA A 162 2.67 13.05 -5.44
C ALA A 162 4.11 13.11 -6.00
N THR A 163 4.30 13.72 -7.18
CA THR A 163 5.60 13.71 -7.84
C THR A 163 6.41 14.98 -7.55
N LYS A 164 5.86 15.90 -6.75
CA LYS A 164 6.57 17.12 -6.34
C LYS A 164 7.71 16.80 -5.41
N GLU A 165 8.75 17.62 -5.49
CA GLU A 165 9.89 17.43 -4.62
C GLU A 165 9.54 17.63 -3.14
N SER A 166 10.12 16.79 -2.29
CA SER A 166 10.03 16.88 -0.82
C SER A 166 11.37 17.15 -0.20
N GLU A 167 11.36 17.69 1.02
CA GLU A 167 12.59 17.82 1.80
C GLU A 167 13.11 16.51 2.38
N ARG A 168 12.31 15.43 2.38
CA ARG A 168 12.74 14.19 3.04
C ARG A 168 12.31 12.95 2.29
N VAL A 169 12.87 11.83 2.68
CA VAL A 169 12.37 10.51 2.25
C VAL A 169 11.06 10.30 2.98
N GLU A 170 9.96 10.17 2.24
CA GLU A 170 8.65 10.18 2.86
C GLU A 170 8.23 8.77 3.30
N SER A 171 8.95 8.19 4.25
CA SER A 171 8.56 6.90 4.84
C SER A 171 9.17 6.75 6.22
N THR A 172 8.38 6.28 7.18
CA THR A 172 8.89 6.02 8.52
C THR A 172 9.94 4.91 8.54
N LYS A 173 9.94 4.01 7.54
CA LYS A 173 10.92 2.93 7.51
C LYS A 173 12.27 3.39 6.96
N GLY A 174 12.35 4.63 6.50
CA GLY A 174 13.61 5.24 6.11
C GLY A 174 14.01 5.00 4.67
N VAL A 175 13.24 4.23 3.92
CA VAL A 175 13.52 3.95 2.51
C VAL A 175 12.20 3.84 1.78
N LEU A 176 12.22 4.07 0.47
CA LEU A 176 11.02 3.87 -0.39
C LEU A 176 11.25 2.75 -1.42
N MET B 1 21.73 -12.29 0.11
CA MET B 1 21.17 -10.92 -0.11
C MET B 1 20.62 -10.36 1.18
N ARG B 2 20.91 -9.09 1.44
CA ARG B 2 20.49 -8.43 2.64
C ARG B 2 19.60 -7.26 2.29
N ARG B 3 18.49 -7.12 3.01
CA ARG B 3 17.60 -5.96 2.86
C ARG B 3 17.34 -5.40 4.22
N THR B 4 17.63 -4.12 4.40
CA THR B 4 17.57 -3.50 5.71
C THR B 4 16.74 -2.22 5.66
N THR B 5 15.77 -2.11 6.55
CA THR B 5 15.00 -0.86 6.75
C THR B 5 15.04 -0.58 8.22
N LYS B 6 14.37 0.49 8.65
CA LYS B 6 14.17 0.75 10.08
C LYS B 6 13.29 -0.27 10.75
N GLU B 7 12.53 -1.04 9.99
CA GLU B 7 11.63 -2.06 10.53
C GLU B 7 12.23 -3.45 10.63
N THR B 8 12.97 -3.87 9.61
CA THR B 8 13.48 -5.22 9.52
C THR B 8 14.89 -5.25 8.94
N ASP B 9 15.59 -6.32 9.26
CA ASP B 9 16.91 -6.57 8.70
C ASP B 9 16.92 -8.01 8.35
N ILE B 10 17.01 -8.29 7.07
CA ILE B 10 16.79 -9.63 6.55
C ILE B 10 17.93 -10.07 5.68
N ILE B 11 18.37 -11.32 5.88
CA ILE B 11 19.27 -12.00 4.96
C ILE B 11 18.63 -13.24 4.40
N VAL B 12 18.65 -13.36 3.08
CA VAL B 12 18.23 -14.57 2.39
C VAL B 12 19.33 -14.98 1.46
N GLU B 13 19.86 -16.17 1.68
CA GLU B 13 20.98 -16.69 0.87
C GLU B 13 20.61 -18.05 0.33
N ILE B 14 20.22 -18.09 -0.94
CA ILE B 14 19.72 -19.29 -1.58
C ILE B 14 20.92 -20.14 -2.06
N GLY B 15 20.85 -21.43 -1.82
CA GLY B 15 21.90 -22.36 -2.25
C GLY B 15 23.02 -22.49 -1.23
N LYS B 16 22.77 -22.04 -0.01
CA LYS B 16 23.76 -22.04 1.07
C LYS B 16 23.20 -22.86 2.20
N LYS B 17 24.00 -23.79 2.72
CA LYS B 17 23.61 -24.61 3.84
C LYS B 17 23.57 -23.70 5.07
N GLY B 18 22.47 -23.75 5.82
CA GLY B 18 22.31 -22.85 6.93
C GLY B 18 20.97 -23.07 7.59
N GLU B 19 20.75 -22.35 8.67
CA GLU B 19 19.53 -22.36 9.45
C GLU B 19 18.56 -21.33 8.86
N ILE B 20 17.26 -21.56 9.06
CA ILE B 20 16.24 -20.52 8.83
C ILE B 20 15.81 -20.04 10.21
N LYS B 21 16.24 -18.84 10.59
CA LYS B 21 15.99 -18.28 11.92
C LYS B 21 15.52 -16.84 11.83
N THR B 22 14.21 -16.64 11.79
CA THR B 22 13.59 -15.31 11.65
C THR B 22 13.12 -14.69 12.95
N ASN B 23 13.26 -15.43 14.05
CA ASN B 23 12.64 -15.06 15.34
C ASN B 23 11.10 -15.11 15.31
N ASP B 24 10.56 -15.92 14.39
CA ASP B 24 9.10 -16.21 14.31
C ASP B 24 9.02 -17.70 13.98
N LEU B 25 8.63 -18.52 14.96
CA LEU B 25 8.69 -19.98 14.79
C LEU B 25 7.74 -20.49 13.71
N ILE B 26 6.62 -19.82 13.52
CA ILE B 26 5.67 -20.18 12.46
C ILE B 26 6.28 -19.91 11.10
N LEU B 27 6.79 -18.70 10.90
CA LEU B 27 7.47 -18.39 9.65
C LEU B 27 8.69 -19.26 9.41
N ASP B 28 9.49 -19.54 10.45
CA ASP B 28 10.62 -20.47 10.24
C ASP B 28 10.15 -21.81 9.63
N HIS B 29 9.03 -22.32 10.16
CA HIS B 29 8.49 -23.59 9.68
C HIS B 29 7.99 -23.47 8.26
N MET B 30 7.28 -22.37 7.97
CA MET B 30 6.74 -22.17 6.61
C MET B 30 7.85 -22.02 5.57
N LEU B 31 8.90 -21.27 5.94
CA LEU B 31 10.05 -21.11 5.05
C LEU B 31 10.85 -22.38 4.87
N THR B 32 10.93 -23.20 5.90
CA THR B 32 11.56 -24.50 5.81
C THR B 32 10.82 -25.37 4.78
N ALA B 33 9.50 -25.41 4.87
CA ALA B 33 8.66 -26.08 3.89
C ALA B 33 8.90 -25.53 2.48
N PHE B 34 8.87 -24.20 2.34
CA PHE B 34 9.10 -23.58 1.05
C PHE B 34 10.44 -24.04 0.43
N ALA B 35 11.54 -23.90 1.20
CA ALA B 35 12.89 -24.24 0.72
C ALA B 35 13.02 -25.71 0.38
N PHE B 36 12.41 -26.56 1.21
CA PHE B 36 12.49 -28.01 1.01
C PHE B 36 11.83 -28.43 -0.31
N TYR B 37 10.67 -27.89 -0.60
CA TYR B 37 9.95 -28.21 -1.85
C TYR B 37 10.48 -27.46 -3.07
N LEU B 38 11.09 -26.30 -2.84
CA LEU B 38 11.85 -25.63 -3.90
C LEU B 38 13.03 -26.51 -4.29
N GLY B 39 13.58 -27.24 -3.33
CA GLY B 39 14.69 -28.13 -3.55
C GLY B 39 16.05 -27.43 -3.39
N LYS B 40 16.11 -26.39 -2.56
CA LYS B 40 17.35 -25.61 -2.35
C LYS B 40 17.62 -25.46 -0.87
N ASP B 41 18.90 -25.54 -0.50
CA ASP B 41 19.32 -25.10 0.82
C ASP B 41 19.17 -23.59 0.82
N MET B 42 18.90 -23.06 2.00
CA MET B 42 19.03 -21.63 2.16
C MET B 42 19.32 -21.27 3.59
N ARG B 43 19.97 -20.12 3.73
CA ARG B 43 20.18 -19.53 5.01
C ARG B 43 19.33 -18.28 5.06
N ILE B 44 18.55 -18.17 6.12
CA ILE B 44 17.70 -17.00 6.32
C ILE B 44 17.83 -16.58 7.77
N THR B 45 18.10 -15.29 7.99
CA THR B 45 18.15 -14.71 9.32
CA THR B 45 18.11 -14.74 9.32
C THR B 45 17.39 -13.39 9.28
N ALA B 46 16.75 -13.02 10.38
CA ALA B 46 16.02 -11.74 10.40
C ALA B 46 15.89 -11.19 11.76
N THR B 47 15.83 -9.86 11.85
CA THR B 47 15.32 -9.18 13.01
C THR B 47 14.18 -8.30 12.53
N TYR B 48 13.25 -8.00 13.42
CA TYR B 48 12.05 -7.26 13.07
C TYR B 48 11.38 -6.64 14.29
N ASP B 49 10.54 -5.64 14.03
CA ASP B 49 9.72 -5.01 15.05
C ASP B 49 8.36 -5.72 15.18
N LEU B 50 7.63 -5.80 14.08
CA LEU B 50 6.27 -6.36 14.03
C LEU B 50 6.21 -7.50 13.03
N ARG B 51 5.45 -8.53 13.33
CA ARG B 51 5.38 -9.72 12.46
C ARG B 51 4.94 -9.43 11.02
N HIS B 52 4.01 -8.50 10.83
CA HIS B 52 3.60 -8.13 9.46
C HIS B 52 4.80 -7.65 8.65
N HIS B 53 5.62 -6.78 9.23
CA HIS B 53 6.77 -6.27 8.54
C HIS B 53 7.73 -7.40 8.20
N LEU B 54 7.88 -8.36 9.12
CA LEU B 54 8.71 -9.53 8.87
C LEU B 54 8.23 -10.35 7.69
N TRP B 55 6.96 -10.76 7.70
CA TRP B 55 6.43 -11.65 6.67
C TRP B 55 6.50 -10.97 5.31
N GLU B 56 6.12 -9.70 5.26
CA GLU B 56 6.20 -8.92 4.02
C GLU B 56 7.64 -8.79 3.52
N ASP B 57 8.53 -8.36 4.41
CA ASP B 57 9.90 -8.09 3.99
C ASP B 57 10.67 -9.37 3.65
N ILE B 58 10.32 -10.47 4.32
CA ILE B 58 10.84 -11.77 3.94
C ILE B 58 10.37 -12.13 2.55
N GLY B 59 9.09 -11.93 2.28
CA GLY B 59 8.58 -12.14 0.94
C GLY B 59 9.31 -11.35 -0.13
N ILE B 60 9.48 -10.07 0.13
CA ILE B 60 10.19 -9.20 -0.80
C ILE B 60 11.64 -9.67 -1.02
N THR B 61 12.34 -9.94 0.07
CA THR B 61 13.77 -10.31 -0.02
C THR B 61 13.93 -11.66 -0.69
N LEU B 62 13.10 -12.63 -0.31
CA LEU B 62 13.12 -13.93 -0.96
C LEU B 62 12.82 -13.82 -2.44
N GLY B 63 11.82 -13.00 -2.81
CA GLY B 63 11.50 -12.82 -4.21
C GLY B 63 12.66 -12.19 -4.99
N GLU B 64 13.28 -11.16 -4.41
CA GLU B 64 14.48 -10.56 -5.04
C GLU B 64 15.61 -11.56 -5.17
N ALA B 65 15.81 -12.39 -4.14
CA ALA B 65 16.82 -13.45 -4.17
C ALA B 65 16.57 -14.49 -5.27
N LEU B 66 15.31 -14.90 -5.42
CA LEU B 66 14.95 -15.84 -6.48
C LEU B 66 15.17 -15.19 -7.86
N ARG B 67 14.83 -13.91 -7.96
CA ARG B 67 15.03 -13.17 -9.20
C ARG B 67 16.52 -13.11 -9.55
N GLU B 68 17.38 -12.88 -8.56
CA GLU B 68 18.83 -12.84 -8.82
C GLU B 68 19.40 -14.16 -9.26
N ASN B 69 18.79 -15.25 -8.79
CA ASN B 69 19.22 -16.60 -9.10
C ASN B 69 18.63 -17.16 -10.41
N LEU B 70 17.66 -16.46 -10.98
CA LEU B 70 16.89 -16.97 -12.12
C LEU B 70 17.78 -17.04 -13.36
N PRO B 71 17.81 -18.16 -14.07
CA PRO B 71 18.55 -18.18 -15.34
C PRO B 71 18.06 -17.13 -16.29
N GLU B 72 18.90 -16.70 -17.22
CA GLU B 72 18.51 -15.69 -18.18
C GLU B 72 17.24 -16.10 -18.96
N LYS B 73 17.19 -17.37 -19.38
CA LYS B 73 16.01 -17.95 -20.01
C LYS B 73 15.47 -18.98 -19.04
N PHE B 74 14.23 -18.75 -18.60
CA PHE B 74 13.65 -19.55 -17.53
C PHE B 74 12.25 -19.99 -17.96
N THR B 75 11.83 -21.05 -17.32
CA THR B 75 10.60 -21.78 -17.64
C THR B 75 9.35 -20.94 -17.46
N ARG B 76 9.37 -20.02 -16.50
CA ARG B 76 8.35 -18.97 -16.31
C ARG B 76 7.11 -19.44 -15.53
N PHE B 77 6.54 -20.54 -15.97
CA PHE B 77 5.29 -21.07 -15.44
C PHE B 77 5.57 -22.27 -14.52
N GLY B 78 4.90 -22.29 -13.40
CA GLY B 78 4.93 -23.49 -12.55
C GLY B 78 3.67 -23.56 -11.69
N ASN B 79 3.18 -24.76 -11.51
CA ASN B 79 2.02 -24.99 -10.65
C ASN B 79 2.27 -26.12 -9.66
N ALA B 80 1.47 -26.13 -8.62
CA ALA B 80 1.41 -27.24 -7.67
C ALA B 80 0.00 -27.36 -7.13
N ILE B 81 -0.41 -28.59 -6.86
CA ILE B 81 -1.59 -28.85 -6.07
C ILE B 81 -1.11 -29.68 -4.89
N MET B 82 -1.27 -29.10 -3.71
CA MET B 82 -0.71 -29.64 -2.49
CA MET B 82 -0.71 -29.67 -2.50
C MET B 82 -1.81 -30.08 -1.54
N PRO B 83 -1.93 -31.40 -1.28
CA PRO B 83 -2.80 -31.88 -0.24
C PRO B 83 -2.05 -31.84 1.09
N MET B 84 -2.76 -31.51 2.15
CA MET B 84 -2.21 -31.72 3.49
C MET B 84 -3.34 -32.05 4.41
N ASP B 85 -3.51 -33.33 4.70
CA ASP B 85 -4.70 -33.82 5.38
C ASP B 85 -5.96 -33.22 4.71
N ASP B 86 -6.80 -32.52 5.46
CA ASP B 86 -8.01 -31.89 4.93
C ASP B 86 -7.77 -30.81 3.87
N ALA B 87 -6.59 -30.17 3.89
CA ALA B 87 -6.31 -29.08 2.95
C ALA B 87 -5.97 -29.58 1.58
N LEU B 88 -6.42 -28.83 0.58
CA LEU B 88 -6.06 -29.06 -0.79
C LEU B 88 -5.93 -27.69 -1.42
N VAL B 89 -4.69 -27.32 -1.79
CA VAL B 89 -4.40 -25.94 -2.22
C VAL B 89 -3.68 -25.93 -3.54
N LEU B 90 -4.25 -25.17 -4.49
CA LEU B 90 -3.65 -24.91 -5.76
C LEU B 90 -2.79 -23.66 -5.69
N VAL B 91 -1.57 -23.78 -6.19
CA VAL B 91 -0.61 -22.67 -6.30
C VAL B 91 -0.19 -22.57 -7.75
N SER B 92 -0.38 -21.39 -8.33
CA SER B 92 -0.05 -21.21 -9.73
C SER B 92 0.77 -19.94 -9.90
N VAL B 93 1.94 -20.07 -10.51
CA VAL B 93 2.90 -18.97 -10.64
C VAL B 93 3.24 -18.72 -12.09
N ASP B 94 3.32 -17.43 -12.44
CA ASP B 94 3.82 -16.97 -13.72
C ASP B 94 4.85 -15.91 -13.38
N ILE B 95 6.12 -16.18 -13.68
CA ILE B 95 7.17 -15.19 -13.47
C ILE B 95 7.13 -14.21 -14.65
N SER B 96 6.17 -13.28 -14.54
CA SER B 96 5.64 -12.52 -15.64
C SER B 96 6.24 -11.13 -15.77
N ASN B 97 6.93 -10.69 -14.72
CA ASN B 97 7.27 -9.28 -14.54
C ASN B 97 6.04 -8.40 -14.38
N ARG B 98 4.93 -8.97 -13.94
CA ARG B 98 3.70 -8.24 -13.66
C ARG B 98 3.24 -8.57 -12.25
N PRO B 99 3.76 -7.86 -11.23
CA PRO B 99 3.40 -8.23 -9.84
C PRO B 99 1.89 -8.29 -9.64
N TYR B 100 1.44 -9.40 -9.07
CA TYR B 100 0.02 -9.63 -8.79
C TYR B 100 -0.04 -10.84 -7.84
N ALA B 101 -0.89 -10.75 -6.82
CA ALA B 101 -1.19 -11.89 -5.95
C ALA B 101 -2.69 -11.95 -5.73
N ASN B 102 -3.22 -13.17 -5.75
CA ASN B 102 -4.62 -13.42 -5.42
C ASN B 102 -4.60 -14.64 -4.51
N VAL B 103 -4.82 -14.41 -3.22
CA VAL B 103 -4.80 -15.46 -2.22
C VAL B 103 -6.24 -15.67 -1.76
N ASP B 104 -6.78 -16.84 -2.08
CA ASP B 104 -8.20 -17.12 -1.84
C ASP B 104 -8.24 -18.34 -0.96
N VAL B 105 -8.33 -18.11 0.36
CA VAL B 105 -8.35 -19.18 1.34
C VAL B 105 -9.58 -19.00 2.22
N ASN B 106 -9.92 -20.04 2.94
CA ASN B 106 -11.10 -20.01 3.80
C ASN B 106 -10.76 -20.89 5.01
N ILE B 107 -10.24 -20.23 6.04
CA ILE B 107 -9.84 -20.92 7.25
C ILE B 107 -11.03 -21.03 8.19
N LYS B 108 -11.42 -22.28 8.48
CA LYS B 108 -12.52 -22.52 9.42
C LYS B 108 -12.02 -22.73 10.85
N ASP B 109 -10.94 -23.48 11.02
CA ASP B 109 -10.36 -23.77 12.35
C ASP B 109 -9.06 -23.03 12.47
N ALA B 110 -9.13 -21.87 13.14
CA ALA B 110 -8.01 -20.96 13.29
C ALA B 110 -6.95 -21.58 14.20
N GLU B 111 -5.72 -21.10 14.06
CA GLU B 111 -4.62 -21.58 14.91
C GLU B 111 -3.73 -20.41 15.22
N GLU B 112 -3.37 -20.28 16.50
CA GLU B 112 -2.49 -19.17 16.97
C GLU B 112 -1.24 -19.10 16.12
N GLY B 113 -0.94 -17.91 15.61
CA GLY B 113 0.30 -17.71 14.85
C GLY B 113 0.10 -17.73 13.36
N PHE B 114 -1.00 -18.33 12.91
CA PHE B 114 -1.33 -18.43 11.51
C PHE B 114 -2.38 -17.36 11.29
N ALA B 115 -2.16 -16.48 10.34
CA ALA B 115 -3.13 -15.46 9.99
C ALA B 115 -3.13 -15.24 8.51
N VAL B 116 -4.32 -15.10 7.94
CA VAL B 116 -4.48 -14.76 6.53
C VAL B 116 -3.75 -13.47 6.19
N SER B 117 -3.82 -12.47 7.06
CA SER B 117 -3.07 -11.21 6.88
C SER B 117 -1.61 -11.47 6.58
N LEU B 118 -0.97 -12.29 7.43
CA LEU B 118 0.45 -12.59 7.28
C LEU B 118 0.73 -13.36 6.01
N LEU B 119 -0.08 -14.36 5.71
CA LEU B 119 0.07 -15.11 4.47
C LEU B 119 -0.02 -14.19 3.26
N LYS B 120 -1.07 -13.36 3.22
CA LYS B 120 -1.27 -12.46 2.10
C LYS B 120 -0.11 -11.49 1.94
N GLU B 121 0.42 -10.99 3.05
CA GLU B 121 1.52 -10.03 2.95
C GLU B 121 2.83 -10.68 2.52
N PHE B 122 3.08 -11.91 2.95
CA PHE B 122 4.23 -12.66 2.43
C PHE B 122 4.08 -12.83 0.90
N VAL B 123 2.91 -13.29 0.47
CA VAL B 123 2.73 -13.60 -0.95
C VAL B 123 2.82 -12.35 -1.83
N TRP B 124 2.21 -11.26 -1.38
CA TRP B 124 2.32 -9.99 -2.12
C TRP B 124 3.77 -9.52 -2.12
N GLY B 125 4.48 -9.68 -0.99
CA GLY B 125 5.89 -9.36 -0.99
C GLY B 125 6.69 -10.13 -2.00
N LEU B 126 6.47 -11.45 -2.00
CA LEU B 126 7.11 -12.35 -2.96
C LEU B 126 6.80 -11.97 -4.39
N ALA B 127 5.54 -11.71 -4.69
CA ALA B 127 5.11 -11.30 -6.04
C ALA B 127 5.78 -10.02 -6.49
N ARG B 128 5.94 -9.09 -5.55
CA ARG B 128 6.55 -7.78 -5.86
C ARG B 128 8.07 -7.94 -6.00
N GLY B 129 8.71 -8.76 -5.17
CA GLY B 129 10.18 -8.91 -5.20
C GLY B 129 10.65 -9.76 -6.37
N LEU B 130 9.94 -10.85 -6.62
CA LEU B 130 10.20 -11.70 -7.80
C LEU B 130 9.69 -11.09 -9.11
N ARG B 131 8.65 -10.23 -9.00
CA ARG B 131 7.95 -9.63 -10.14
C ARG B 131 7.20 -10.73 -10.90
N ALA B 132 6.18 -11.24 -10.21
CA ALA B 132 5.45 -12.40 -10.64
C ALA B 132 3.99 -12.30 -10.32
N THR B 133 3.26 -13.13 -11.05
CA THR B 133 1.83 -13.38 -10.85
C THR B 133 1.68 -14.64 -9.99
N ILE B 134 0.99 -14.52 -8.85
CA ILE B 134 0.84 -15.66 -7.94
C ILE B 134 -0.62 -15.83 -7.52
N HIS B 135 -1.16 -17.02 -7.81
CA HIS B 135 -2.47 -17.42 -7.35
C HIS B 135 -2.32 -18.53 -6.32
N ILE B 136 -2.99 -18.38 -5.20
CA ILE B 136 -3.16 -19.42 -4.20
C ILE B 136 -4.66 -19.63 -4.09
N LYS B 137 -5.13 -20.83 -4.38
CA LYS B 137 -6.56 -21.05 -4.42
C LYS B 137 -6.86 -22.30 -3.62
N GLN B 138 -7.50 -22.12 -2.49
CA GLN B 138 -7.89 -23.26 -1.68
C GLN B 138 -9.02 -23.98 -2.37
N LEU B 139 -8.85 -25.28 -2.52
CA LEU B 139 -9.89 -26.13 -3.13
C LEU B 139 -10.68 -26.89 -2.08
N SER B 140 -10.04 -27.18 -0.95
CA SER B 140 -10.68 -27.89 0.16
CA SER B 140 -10.70 -27.86 0.15
C SER B 140 -9.94 -27.56 1.42
N GLY B 141 -10.61 -27.73 2.55
CA GLY B 141 -9.95 -27.68 3.84
C GLY B 141 -10.54 -26.77 4.86
N GLU B 142 -10.15 -27.02 6.11
CA GLU B 142 -10.61 -26.23 7.27
C GLU B 142 -9.48 -25.74 8.19
N ASN B 143 -8.44 -26.57 8.34
CA ASN B 143 -7.39 -26.31 9.33
C ASN B 143 -6.37 -25.25 8.89
N ALA B 144 -6.19 -24.20 9.70
CA ALA B 144 -5.33 -23.07 9.33
C ALA B 144 -3.89 -23.50 9.00
N HIS B 145 -3.29 -24.34 9.85
CA HIS B 145 -1.92 -24.82 9.66
C HIS B 145 -1.81 -25.65 8.42
N HIS B 146 -2.76 -26.58 8.20
CA HIS B 146 -2.66 -27.41 6.98
C HIS B 146 -2.83 -26.56 5.71
N ILE B 147 -3.70 -25.56 5.76
CA ILE B 147 -3.95 -24.73 4.58
C ILE B 147 -2.72 -23.85 4.30
N VAL B 148 -2.22 -23.17 5.31
CA VAL B 148 -1.07 -22.28 5.11
C VAL B 148 0.19 -23.06 4.76
N GLU B 149 0.41 -24.18 5.45
CA GLU B 149 1.60 -25.00 5.14
C GLU B 149 1.48 -25.57 3.74
N ALA B 150 0.28 -26.00 3.32
CA ALA B 150 0.10 -26.48 1.95
C ALA B 150 0.45 -25.39 0.92
N ALA B 151 0.07 -24.15 1.23
CA ALA B 151 0.39 -23.00 0.37
C ALA B 151 1.92 -22.81 0.23
N PHE B 152 2.64 -22.91 1.35
CA PHE B 152 4.11 -22.74 1.29
C PHE B 152 4.78 -23.93 0.59
N LYS B 153 4.36 -25.17 0.89
CA LYS B 153 4.83 -26.35 0.17
C LYS B 153 4.59 -26.19 -1.33
N GLY B 154 3.39 -25.71 -1.65
CA GLY B 154 3.01 -25.52 -3.06
C GLY B 154 3.79 -24.44 -3.76
N LEU B 155 4.05 -23.34 -3.06
CA LEU B 155 4.91 -22.29 -3.58
C LEU B 155 6.29 -22.80 -3.92
N GLY B 156 6.84 -23.61 -3.03
CA GLY B 156 8.12 -24.22 -3.27
C GLY B 156 8.12 -25.10 -4.49
N MET B 157 7.13 -26.01 -4.58
CA MET B 157 7.02 -26.90 -5.75
C MET B 157 6.76 -26.13 -7.05
N ALA B 158 5.87 -25.13 -7.03
CA ALA B 158 5.57 -24.38 -8.25
C ALA B 158 6.82 -23.61 -8.72
N LEU B 159 7.53 -23.00 -7.78
CA LEU B 159 8.74 -22.23 -8.14
C LEU B 159 9.88 -23.13 -8.56
N ARG B 160 9.92 -24.38 -8.07
CA ARG B 160 10.89 -25.36 -8.56
C ARG B 160 10.76 -25.50 -10.07
N VAL B 161 9.53 -25.59 -10.54
CA VAL B 161 9.26 -25.72 -11.97
C VAL B 161 9.56 -24.44 -12.71
N ALA B 162 9.08 -23.32 -12.19
CA ALA B 162 9.09 -22.05 -12.91
C ALA B 162 10.48 -21.41 -13.00
N THR B 163 11.39 -21.77 -12.10
CA THR B 163 12.71 -21.18 -12.07
C THR B 163 13.74 -22.04 -12.80
N LYS B 164 13.33 -23.15 -13.41
CA LYS B 164 14.26 -23.95 -14.21
C LYS B 164 14.67 -23.26 -15.48
N GLU B 165 15.87 -23.59 -15.97
CA GLU B 165 16.35 -23.01 -17.21
C GLU B 165 15.49 -23.47 -18.42
N SER B 166 15.30 -22.56 -19.38
CA SER B 166 14.61 -22.82 -20.64
C SER B 166 15.55 -22.56 -21.79
N GLU B 167 15.23 -23.14 -22.95
CA GLU B 167 15.94 -22.83 -24.19
C GLU B 167 15.56 -21.47 -24.79
N ARG B 168 14.49 -20.83 -24.35
CA ARG B 168 14.04 -19.61 -25.01
C ARG B 168 13.49 -18.63 -24.02
N VAL B 169 13.32 -17.40 -24.48
CA VAL B 169 12.56 -16.38 -23.76
C VAL B 169 11.08 -16.82 -23.85
N GLU B 170 10.47 -17.10 -22.71
CA GLU B 170 9.14 -17.74 -22.69
C GLU B 170 8.02 -16.68 -22.75
N SER B 171 7.95 -15.96 -23.87
CA SER B 171 6.87 -15.00 -24.09
C SER B 171 6.73 -14.76 -25.56
N THR B 172 5.49 -14.71 -26.06
CA THR B 172 5.24 -14.38 -27.47
C THR B 172 5.61 -12.96 -27.81
N LYS B 173 5.70 -12.09 -26.81
CA LYS B 173 6.04 -10.71 -27.08
C LYS B 173 7.54 -10.47 -27.19
N GLY B 174 8.34 -11.51 -26.97
CA GLY B 174 9.79 -11.44 -27.19
C GLY B 174 10.59 -10.90 -26.01
N VAL B 175 9.91 -10.47 -24.96
CA VAL B 175 10.56 -9.92 -23.79
C VAL B 175 9.78 -10.36 -22.57
N LEU B 176 10.48 -10.55 -21.45
CA LEU B 176 9.85 -10.94 -20.20
C LEU B 176 9.98 -9.89 -19.11
N MET C 1 4.73 17.57 28.40
CA MET C 1 3.54 17.47 29.29
C MET C 1 3.43 16.06 29.85
N ARG C 2 3.04 15.96 31.12
CA ARG C 2 2.98 14.68 31.78
C ARG C 2 1.60 14.46 32.39
N ARG C 3 1.08 13.24 32.24
CA ARG C 3 -0.22 12.88 32.78
C ARG C 3 -0.04 11.54 33.49
N THR C 4 -0.38 11.50 34.78
CA THR C 4 -0.18 10.35 35.60
C THR C 4 -1.48 9.96 36.34
N THR C 5 -1.84 8.69 36.23
CA THR C 5 -2.90 8.10 37.04
C THR C 5 -2.32 6.83 37.65
N LYS C 6 -3.15 6.08 38.38
CA LYS C 6 -2.71 4.79 38.87
C LYS C 6 -2.53 3.75 37.75
N GLU C 7 -3.09 4.00 36.57
CA GLU C 7 -3.00 3.08 35.44
C GLU C 7 -1.82 3.36 34.53
N THR C 8 -1.55 4.63 34.24
CA THR C 8 -0.54 5.01 33.26
C THR C 8 0.25 6.23 33.71
N ASP C 9 1.46 6.33 33.17
CA ASP C 9 2.30 7.51 33.37
C ASP C 9 2.86 7.85 32.02
N ILE C 10 2.51 9.02 31.50
CA ILE C 10 2.79 9.40 30.11
C ILE C 10 3.42 10.77 30.03
N ILE C 11 4.49 10.87 29.25
CA ILE C 11 5.07 12.14 28.84
C ILE C 11 5.01 12.29 27.32
N VAL C 12 4.44 13.41 26.88
CA VAL C 12 4.43 13.80 25.46
C VAL C 12 5.01 15.21 25.38
N GLU C 13 6.09 15.35 24.63
CA GLU C 13 6.78 16.64 24.43
C GLU C 13 6.91 16.88 22.95
N ILE C 14 6.06 17.76 22.46
CA ILE C 14 6.04 18.09 21.06
C ILE C 14 7.16 19.11 20.76
N GLY C 15 7.89 18.88 19.67
CA GLY C 15 8.99 19.77 19.25
C GLY C 15 10.35 19.33 19.74
N LYS C 16 10.40 18.36 20.65
CA LYS C 16 11.65 17.83 21.18
C LYS C 16 12.04 16.59 20.35
N LYS C 17 13.29 16.53 19.90
CA LYS C 17 13.78 15.32 19.22
C LYS C 17 13.94 14.29 20.29
N GLY C 18 13.47 13.09 20.02
CA GLY C 18 13.41 12.09 21.05
C GLY C 18 12.75 10.82 20.59
N GLU C 19 12.76 9.86 21.50
CA GLU C 19 12.24 8.52 21.27
C GLU C 19 10.71 8.50 21.42
N ILE C 20 10.07 7.59 20.71
CA ILE C 20 8.68 7.19 21.04
C ILE C 20 8.76 5.79 21.60
N LYS C 21 8.61 5.66 22.90
CA LYS C 21 8.79 4.38 23.58
C LYS C 21 7.71 4.19 24.60
N THR C 22 6.66 3.49 24.22
CA THR C 22 5.47 3.28 25.08
C THR C 22 5.42 1.91 25.74
N ASN C 23 6.38 1.03 25.43
CA ASN C 23 6.32 -0.39 25.80
C ASN C 23 5.16 -1.15 25.14
N ASP C 24 4.70 -0.65 24.00
CA ASP C 24 3.77 -1.33 23.13
C ASP C 24 4.33 -1.08 21.72
N LEU C 25 4.87 -2.15 21.10
CA LEU C 25 5.52 -2.00 19.80
C LEU C 25 4.58 -1.55 18.67
N ILE C 26 3.31 -1.95 18.77
CA ILE C 26 2.33 -1.57 17.77
C ILE C 26 2.02 -0.08 17.92
N LEU C 27 1.76 0.36 19.15
CA LEU C 27 1.51 1.78 19.37
C LEU C 27 2.73 2.62 19.04
N ASP C 28 3.93 2.15 19.39
CA ASP C 28 5.14 2.90 19.00
C ASP C 28 5.19 3.17 17.48
N HIS C 29 4.87 2.14 16.70
CA HIS C 29 4.83 2.24 15.25
C HIS C 29 3.74 3.19 14.77
N MET C 30 2.54 3.07 15.34
CA MET C 30 1.45 3.95 14.96
C MET C 30 1.74 5.44 15.29
N LEU C 31 2.29 5.70 16.46
CA LEU C 31 2.67 7.06 16.87
C LEU C 31 3.82 7.62 16.08
N THR C 32 4.73 6.75 15.68
CA THR C 32 5.81 7.15 14.77
C THR C 32 5.21 7.65 13.45
N ALA C 33 4.24 6.90 12.91
CA ALA C 33 3.55 7.32 11.68
C ALA C 33 2.83 8.64 11.88
N PHE C 34 2.09 8.73 12.98
CA PHE C 34 1.35 9.93 13.31
C PHE C 34 2.29 11.15 13.33
N ALA C 35 3.37 11.05 14.10
CA ALA C 35 4.31 12.19 14.24
C ALA C 35 4.98 12.54 12.93
N PHE C 36 5.38 11.52 12.17
CA PHE C 36 6.04 11.73 10.90
C PHE C 36 5.16 12.53 9.93
N TYR C 37 3.88 12.14 9.81
CA TYR C 37 2.97 12.84 8.91
C TYR C 37 2.43 14.16 9.45
N LEU C 38 2.40 14.31 10.77
CA LEU C 38 2.12 15.62 11.38
C LEU C 38 3.24 16.59 11.03
N GLY C 39 4.44 16.06 10.88
CA GLY C 39 5.61 16.82 10.53
C GLY C 39 6.29 17.45 11.72
N LYS C 40 6.16 16.87 12.91
CA LYS C 40 6.80 17.42 14.11
C LYS C 40 7.55 16.35 14.84
N ASP C 41 8.69 16.74 15.39
CA ASP C 41 9.43 15.87 16.28
C ASP C 41 8.63 15.79 17.58
N MET C 42 8.72 14.61 18.23
CA MET C 42 8.21 14.50 19.57
C MET C 42 8.83 13.35 20.33
N ARG C 43 8.86 13.54 21.64
CA ARG C 43 9.34 12.55 22.56
C ARG C 43 8.09 12.06 23.27
N ILE C 44 7.92 10.74 23.29
CA ILE C 44 6.80 10.14 23.99
C ILE C 44 7.32 8.94 24.76
N THR C 45 7.09 8.94 26.06
CA THR C 45 7.41 7.79 26.89
C THR C 45 6.20 7.47 27.76
N ALA C 46 6.03 6.17 28.06
CA ALA C 46 4.89 5.74 28.86
C ALA C 46 5.19 4.48 29.60
N THR C 47 4.55 4.34 30.76
CA THR C 47 4.35 3.04 31.41
C THR C 47 2.86 2.83 31.59
N TYR C 48 2.46 1.58 31.69
CA TYR C 48 1.05 1.25 31.76
C TYR C 48 0.82 -0.11 32.34
N ASP C 49 -0.43 -0.34 32.77
CA ASP C 49 -0.89 -1.64 33.21
C ASP C 49 -1.50 -2.47 32.07
N LEU C 50 -2.51 -1.91 31.40
CA LEU C 50 -3.28 -2.61 30.34
C LEU C 50 -3.24 -1.79 29.07
N ARG C 51 -3.12 -2.46 27.92
CA ARG C 51 -2.96 -1.76 26.63
C ARG C 51 -4.08 -0.76 26.35
N HIS C 52 -5.32 -1.09 26.71
CA HIS C 52 -6.43 -0.16 26.49
C HIS C 52 -6.17 1.15 27.24
N HIS C 53 -5.70 1.07 28.48
CA HIS C 53 -5.48 2.28 29.23
C HIS C 53 -4.34 3.09 28.60
N LEU C 54 -3.34 2.40 28.08
CA LEU C 54 -2.26 3.06 27.37
C LEU C 54 -2.74 3.83 26.12
N TRP C 55 -3.46 3.15 25.25
CA TRP C 55 -3.92 3.76 24.00
C TRP C 55 -4.81 4.96 24.23
N GLU C 56 -5.76 4.80 25.12
CA GLU C 56 -6.63 5.89 25.53
C GLU C 56 -5.87 7.05 26.13
N ASP C 57 -5.02 6.76 27.13
CA ASP C 57 -4.35 7.85 27.86
C ASP C 57 -3.30 8.56 27.00
N ILE C 58 -2.69 7.83 26.10
CA ILE C 58 -1.82 8.41 25.08
C ILE C 58 -2.64 9.32 24.20
N GLY C 59 -3.81 8.87 23.77
CA GLY C 59 -4.68 9.77 23.01
C GLY C 59 -5.01 11.04 23.77
N ILE C 60 -5.37 10.91 25.04
CA ILE C 60 -5.73 12.07 25.86
C ILE C 60 -4.53 13.01 25.98
N THR C 61 -3.40 12.44 26.37
CA THR C 61 -2.19 13.26 26.63
C THR C 61 -1.68 13.94 25.37
N LEU C 62 -1.65 13.20 24.25
CA LEU C 62 -1.24 13.76 22.99
C LEU C 62 -2.20 14.87 22.58
N GLY C 63 -3.50 14.64 22.77
CA GLY C 63 -4.50 15.66 22.48
C GLY C 63 -4.31 16.94 23.28
N GLU C 64 -4.08 16.78 24.58
CA GLU C 64 -3.78 17.92 25.46
C GLU C 64 -2.52 18.64 25.00
N ALA C 65 -1.49 17.89 24.66
CA ALA C 65 -0.22 18.49 24.22
C ALA C 65 -0.42 19.28 22.90
N LEU C 66 -1.18 18.70 21.97
CA LEU C 66 -1.50 19.43 20.73
C LEU C 66 -2.31 20.70 21.00
N ARG C 67 -3.29 20.61 21.89
CA ARG C 67 -4.12 21.73 22.28
C ARG C 67 -3.25 22.85 22.87
N GLU C 68 -2.36 22.47 23.79
CA GLU C 68 -1.43 23.42 24.37
C GLU C 68 -0.54 24.10 23.34
N ASN C 69 -0.17 23.36 22.31
CA ASN C 69 0.73 23.83 21.25
C ASN C 69 0.02 24.71 20.19
N LEU C 70 -1.31 24.77 20.19
CA LEU C 70 -1.99 25.50 19.12
C LEU C 70 -1.72 27.01 19.21
N PRO C 71 -1.53 27.66 18.06
CA PRO C 71 -1.64 29.13 18.07
C PRO C 71 -3.01 29.60 18.52
N GLU C 72 -3.11 30.84 19.00
CA GLU C 72 -4.40 31.38 19.44
C GLU C 72 -5.47 31.26 18.33
N LYS C 73 -5.08 31.53 17.10
CA LYS C 73 -5.95 31.46 15.94
C LYS C 73 -5.41 30.38 15.02
N PHE C 74 -6.21 29.35 14.78
CA PHE C 74 -5.72 28.15 14.09
C PHE C 74 -6.74 27.78 12.98
N THR C 75 -6.24 27.02 12.02
CA THR C 75 -6.93 26.67 10.78
CA THR C 75 -6.99 26.74 10.80
C THR C 75 -8.20 25.84 11.03
N ARG C 76 -8.16 25.05 12.08
CA ARG C 76 -9.31 24.29 12.62
C ARG C 76 -9.65 23.03 11.87
N PHE C 77 -9.74 23.12 10.56
CA PHE C 77 -10.13 21.99 9.73
C PHE C 77 -8.96 21.35 9.06
N GLY C 78 -8.96 20.03 9.00
CA GLY C 78 -7.99 19.34 8.15
C GLY C 78 -8.49 17.95 7.76
N ASN C 79 -8.15 17.53 6.54
CA ASN C 79 -8.52 16.20 6.05
C ASN C 79 -7.34 15.48 5.47
N ALA C 80 -7.43 14.16 5.42
CA ALA C 80 -6.50 13.36 4.63
C ALA C 80 -7.22 12.13 4.10
N ILE C 81 -6.87 11.72 2.90
CA ILE C 81 -7.24 10.43 2.40
C ILE C 81 -5.97 9.66 2.16
N MET C 82 -5.85 8.54 2.85
CA MET C 82 -4.63 7.81 2.92
C MET C 82 -4.81 6.39 2.38
N PRO C 83 -4.15 6.09 1.23
CA PRO C 83 -4.08 4.74 0.74
C PRO C 83 -2.94 4.02 1.42
N MET C 84 -3.13 2.74 1.69
CA MET C 84 -2.02 1.89 2.09
C MET C 84 -2.27 0.49 1.56
N ASP C 85 -1.64 0.15 0.45
CA ASP C 85 -1.99 -1.04 -0.30
C ASP C 85 -3.51 -1.12 -0.47
N ASP C 86 -4.15 -2.19 0.02
CA ASP C 86 -5.60 -2.37 -0.13
C ASP C 86 -6.45 -1.33 0.62
N ALA C 87 -5.89 -0.76 1.69
CA ALA C 87 -6.63 0.18 2.53
C ALA C 87 -6.74 1.55 1.91
N LEU C 88 -7.89 2.17 2.12
CA LEU C 88 -8.08 3.55 1.71
C LEU C 88 -8.96 4.17 2.79
N VAL C 89 -8.39 5.10 3.54
CA VAL C 89 -9.02 5.62 4.74
C VAL C 89 -9.12 7.15 4.70
N LEU C 90 -10.33 7.67 4.95
CA LEU C 90 -10.58 9.09 5.04
C LEU C 90 -10.50 9.49 6.52
N VAL C 91 -9.73 10.53 6.80
CA VAL C 91 -9.63 11.11 8.14
C VAL C 91 -10.01 12.57 8.02
N SER C 92 -10.99 12.97 8.82
CA SER C 92 -11.50 14.32 8.77
C SER C 92 -11.58 14.88 10.18
N VAL C 93 -10.91 16.03 10.38
CA VAL C 93 -10.80 16.64 11.72
C VAL C 93 -11.36 18.05 11.70
N ASP C 94 -12.06 18.40 12.79
CA ASP C 94 -12.47 19.77 13.07
C ASP C 94 -12.11 20.02 14.54
N ILE C 95 -11.15 20.92 14.81
CA ILE C 95 -10.77 21.28 16.17
C ILE C 95 -11.82 22.24 16.69
N SER C 96 -12.93 21.63 17.08
CA SER C 96 -14.22 22.32 17.25
C SER C 96 -14.52 22.77 18.67
N ASN C 97 -13.74 22.25 19.61
CA ASN C 97 -14.10 22.28 21.02
C ASN C 97 -15.39 21.48 21.35
N ARG C 98 -15.74 20.52 20.50
CA ARG C 98 -16.88 19.64 20.71
C ARG C 98 -16.40 18.19 20.57
N PRO C 99 -15.91 17.59 21.67
CA PRO C 99 -15.37 16.23 21.53
C PRO C 99 -16.37 15.26 20.90
N TYR C 100 -15.87 14.53 19.91
CA TYR C 100 -16.65 13.56 19.14
C TYR C 100 -15.68 12.71 18.31
N ALA C 101 -15.91 11.41 18.30
CA ALA C 101 -15.19 10.51 17.41
C ALA C 101 -16.18 9.57 16.76
N ASN C 102 -15.98 9.30 15.48
CA ASN C 102 -16.71 8.25 14.78
C ASN C 102 -15.69 7.51 13.94
N VAL C 103 -15.39 6.28 14.37
CA VAL C 103 -14.43 5.43 13.70
C VAL C 103 -15.22 4.32 13.05
N ASP C 104 -15.25 4.35 11.72
CA ASP C 104 -16.08 3.45 10.94
C ASP C 104 -15.13 2.65 10.05
N VAL C 105 -14.72 1.49 10.55
CA VAL C 105 -13.79 0.63 9.83
C VAL C 105 -14.37 -0.76 9.70
N ASN C 106 -13.78 -1.56 8.85
CA ASN C 106 -14.27 -2.93 8.56
C ASN C 106 -13.04 -3.79 8.27
N ILE C 107 -12.55 -4.45 9.30
CA ILE C 107 -11.32 -5.23 9.18
C ILE C 107 -11.73 -6.65 8.83
N LYS C 108 -11.28 -7.12 7.68
CA LYS C 108 -11.56 -8.48 7.23
C LYS C 108 -10.46 -9.44 7.67
N ASP C 109 -9.21 -9.03 7.50
CA ASP C 109 -8.03 -9.86 7.87
C ASP C 109 -7.38 -9.30 9.13
N ALA C 110 -7.72 -9.90 10.26
CA ALA C 110 -7.26 -9.43 11.57
C ALA C 110 -5.76 -9.68 11.72
N GLU C 111 -5.13 -8.91 12.60
CA GLU C 111 -3.71 -9.09 12.88
C GLU C 111 -3.47 -8.87 14.36
N GLU C 112 -2.71 -9.79 14.98
CA GLU C 112 -2.38 -9.70 16.42
C GLU C 112 -1.78 -8.36 16.74
N GLY C 113 -2.26 -7.72 17.79
CA GLY C 113 -1.76 -6.43 18.20
C GLY C 113 -2.61 -5.29 17.70
N PHE C 114 -3.34 -5.50 16.61
CA PHE C 114 -4.17 -4.47 16.03
C PHE C 114 -5.60 -4.80 16.48
N ALA C 115 -6.30 -3.85 17.06
CA ALA C 115 -7.70 -4.08 17.44
C ALA C 115 -8.46 -2.81 17.23
N VAL C 116 -9.69 -2.95 16.75
CA VAL C 116 -10.60 -1.82 16.62
C VAL C 116 -10.80 -1.15 17.97
N SER C 117 -10.90 -1.95 19.04
CA SER C 117 -11.08 -1.41 20.40
C SER C 117 -10.01 -0.38 20.73
N LEU C 118 -8.78 -0.75 20.48
CA LEU C 118 -7.64 0.14 20.79
C LEU C 118 -7.61 1.38 19.88
N LEU C 119 -7.84 1.20 18.57
CA LEU C 119 -7.92 2.36 17.68
C LEU C 119 -9.00 3.34 18.14
N LYS C 120 -10.18 2.82 18.44
CA LYS C 120 -11.29 3.69 18.87
C LYS C 120 -10.95 4.42 20.15
N GLU C 121 -10.31 3.73 21.09
CA GLU C 121 -10.01 4.38 22.35
C GLU C 121 -8.91 5.43 22.23
N PHE C 122 -7.93 5.19 21.37
CA PHE C 122 -6.97 6.23 21.06
C PHE C 122 -7.65 7.46 20.44
N VAL C 123 -8.52 7.23 19.47
CA VAL C 123 -9.15 8.34 18.76
C VAL C 123 -10.09 9.12 19.69
N TRP C 124 -10.92 8.44 20.49
CA TRP C 124 -11.74 9.11 21.48
C TRP C 124 -10.90 9.88 22.51
N GLY C 125 -9.78 9.30 22.94
CA GLY C 125 -8.87 9.99 23.87
C GLY C 125 -8.35 11.30 23.24
N LEU C 126 -7.90 11.19 22.01
CA LEU C 126 -7.42 12.33 21.23
C LEU C 126 -8.50 13.38 21.05
N ALA C 127 -9.71 12.97 20.66
CA ALA C 127 -10.83 13.91 20.49
C ALA C 127 -11.12 14.64 21.81
N ARG C 128 -11.08 13.90 22.90
CA ARG C 128 -11.39 14.48 24.21
C ARG C 128 -10.25 15.38 24.74
N GLY C 129 -8.99 15.02 24.52
CA GLY C 129 -7.85 15.84 24.99
C GLY C 129 -7.63 17.08 24.15
N LEU C 130 -7.72 16.93 22.85
CA LEU C 130 -7.62 18.07 21.93
C LEU C 130 -8.90 18.89 21.96
N ARG C 131 -10.05 18.24 22.20
CA ARG C 131 -11.38 18.86 22.14
C ARG C 131 -11.70 19.14 20.69
N ALA C 132 -11.96 18.04 20.00
CA ALA C 132 -12.10 18.02 18.55
C ALA C 132 -13.10 16.96 18.10
N THR C 133 -13.57 17.15 16.87
CA THR C 133 -14.43 16.23 16.13
C THR C 133 -13.53 15.44 15.20
N ILE C 134 -13.58 14.10 15.27
CA ILE C 134 -12.69 13.29 14.43
C ILE C 134 -13.49 12.17 13.78
N HIS C 135 -13.48 12.12 12.45
CA HIS C 135 -14.05 11.04 11.68
C HIS C 135 -12.94 10.22 11.04
N ILE C 136 -13.02 8.91 11.21
CA ILE C 136 -12.16 7.97 10.49
C ILE C 136 -13.13 7.07 9.73
N LYS C 137 -13.11 7.17 8.42
CA LYS C 137 -14.03 6.44 7.56
C LYS C 137 -13.27 5.61 6.54
N GLN C 138 -13.32 4.30 6.70
CA GLN C 138 -12.75 3.40 5.72
C GLN C 138 -13.56 3.40 4.42
N LEU C 139 -12.89 3.65 3.32
CA LEU C 139 -13.48 3.59 1.99
C LEU C 139 -13.21 2.28 1.28
N SER C 140 -12.08 1.67 1.55
CA SER C 140 -11.69 0.38 0.97
CA SER C 140 -11.71 0.38 0.98
C SER C 140 -10.73 -0.32 1.91
N GLY C 141 -10.64 -1.63 1.78
CA GLY C 141 -9.60 -2.35 2.51
C GLY C 141 -10.04 -3.55 3.28
N GLU C 142 -9.06 -4.42 3.54
CA GLU C 142 -9.22 -5.64 4.30
C GLU C 142 -8.25 -5.83 5.45
N ASN C 143 -7.00 -5.43 5.25
CA ASN C 143 -5.93 -5.77 6.18
C ASN C 143 -5.89 -4.86 7.39
N ALA C 144 -5.91 -5.44 8.59
CA ALA C 144 -5.97 -4.65 9.83
C ALA C 144 -4.83 -3.61 9.96
N HIS C 145 -3.61 -4.05 9.69
CA HIS C 145 -2.42 -3.20 9.85
C HIS C 145 -2.47 -2.08 8.83
N HIS C 146 -2.81 -2.39 7.58
CA HIS C 146 -2.93 -1.32 6.59
C HIS C 146 -4.03 -0.29 6.94
N ILE C 147 -5.18 -0.78 7.40
CA ILE C 147 -6.28 0.08 7.78
C ILE C 147 -5.92 1.00 8.97
N VAL C 148 -5.39 0.40 10.03
CA VAL C 148 -5.06 1.17 11.22
C VAL C 148 -3.91 2.10 10.96
N GLU C 149 -2.88 1.62 10.28
CA GLU C 149 -1.76 2.50 9.96
C GLU C 149 -2.17 3.68 9.04
N ALA C 150 -3.04 3.40 8.06
CA ALA C 150 -3.57 4.47 7.22
C ALA C 150 -4.31 5.53 8.05
N ALA C 151 -5.03 5.09 9.08
CA ALA C 151 -5.73 5.99 9.99
C ALA C 151 -4.76 6.89 10.74
N PHE C 152 -3.67 6.30 11.27
CA PHE C 152 -2.67 7.11 11.98
C PHE C 152 -1.90 8.05 11.03
N LYS C 153 -1.49 7.56 9.87
CA LYS C 153 -0.88 8.44 8.86
C LYS C 153 -1.82 9.59 8.55
N GLY C 154 -3.10 9.26 8.35
CA GLY C 154 -4.10 10.25 7.97
C GLY C 154 -4.36 11.27 9.08
N LEU C 155 -4.35 10.81 10.32
CA LEU C 155 -4.50 11.73 11.45
C LEU C 155 -3.36 12.71 11.50
N GLY C 156 -2.15 12.22 11.25
CA GLY C 156 -1.00 13.09 11.20
C GLY C 156 -1.15 14.16 10.14
N MET C 157 -1.47 13.72 8.93
CA MET C 157 -1.61 14.65 7.81
C MET C 157 -2.76 15.63 8.03
N ALA C 158 -3.88 15.16 8.55
CA ALA C 158 -5.04 16.05 8.78
C ALA C 158 -4.73 17.09 9.84
N LEU C 159 -4.08 16.67 10.94
CA LEU C 159 -3.72 17.59 12.01
C LEU C 159 -2.61 18.55 11.59
N ARG C 160 -1.75 18.15 10.66
CA ARG C 160 -0.78 19.07 10.08
C ARG C 160 -1.49 20.30 9.50
N VAL C 161 -2.59 20.06 8.83
CA VAL C 161 -3.39 21.14 8.24
C VAL C 161 -4.14 21.93 9.32
N ALA C 162 -4.80 21.24 10.23
CA ALA C 162 -5.74 21.83 11.18
C ALA C 162 -5.07 22.66 12.27
N THR C 163 -3.80 22.38 12.54
CA THR C 163 -3.08 23.01 13.67
C THR C 163 -2.24 24.21 13.23
N LYS C 164 -2.28 24.57 11.96
CA LYS C 164 -1.56 25.75 11.45
C LYS C 164 -2.20 27.02 11.90
N GLU C 165 -1.41 28.09 11.95
CA GLU C 165 -1.94 29.39 12.35
C GLU C 165 -2.89 29.97 11.30
N SER C 166 -3.93 30.66 11.75
CA SER C 166 -4.88 31.36 10.88
C SER C 166 -4.85 32.82 11.21
N GLU C 167 -5.31 33.66 10.28
CA GLU C 167 -5.46 35.08 10.57
C GLU C 167 -6.70 35.42 11.39
N ARG C 168 -7.65 34.49 11.53
CA ARG C 168 -8.91 34.77 12.20
C ARG C 168 -9.32 33.61 13.11
N VAL C 169 -10.28 33.88 13.98
CA VAL C 169 -11.01 32.86 14.73
C VAL C 169 -11.90 32.14 13.70
N GLU C 170 -11.67 30.84 13.49
CA GLU C 170 -12.30 30.14 12.37
C GLU C 170 -13.67 29.61 12.78
N SER C 171 -14.59 30.50 13.08
CA SER C 171 -15.96 30.16 13.42
C SER C 171 -16.87 31.34 13.21
N THR C 172 -18.02 31.07 12.59
CA THR C 172 -19.02 32.11 12.36
C THR C 172 -19.65 32.59 13.67
N LYS C 173 -19.55 31.80 14.74
CA LYS C 173 -20.07 32.22 16.02
C LYS C 173 -19.09 33.09 16.82
N GLY C 174 -17.89 33.30 16.29
CA GLY C 174 -16.94 34.24 16.86
C GLY C 174 -16.10 33.68 17.99
N VAL C 175 -16.33 32.43 18.39
CA VAL C 175 -15.52 31.82 19.46
C VAL C 175 -15.39 30.36 19.11
N LEU C 176 -14.32 29.73 19.58
CA LEU C 176 -14.06 28.32 19.32
C LEU C 176 -14.07 27.45 20.60
#